data_5D69
#
_entry.id   5D69
#
_cell.length_a   50.030
_cell.length_b   79.650
_cell.length_c   57.160
_cell.angle_alpha   90.000
_cell.angle_beta   91.810
_cell.angle_gamma   90.000
#
_symmetry.space_group_name_H-M   'P 1 21 1'
#
loop_
_entity.id
_entity.type
_entity.pdbx_description
1 polymer 'Calpain small subunit 1'
2 non-polymer 'CALCIUM ION'
3 non-polymer "(2E,2'Z)-2,2'-disulfanediylbis[3-(4-iodophenyl)prop-2-enoic acid]"
4 non-polymer 'SULFATE ION'
5 water water
#
_entity_poly.entity_id   1
_entity_poly.type   'polypeptide(L)'
_entity_poly.pdbx_seq_one_letter_code
;EEVRQFRRLFAQLAGDDMEVSATELMNILNKVVTRHPDLKTDGFGIDTCRSMVAVMDSDTTGKLGFEEFKYLWNNIKRWQ
AIYKQFDTDRSGTICSSELPGAFEAAGFHLNEHLYNMIIRRYSDESGNMDFDNFISCLVRLDAMFRAFKSLDKDGTGQIQ
VNIQEWLQLTMYS
;
_entity_poly.pdbx_strand_id   A,B
#
# COMPACT_ATOMS: atom_id res chain seq x y z
N GLU A 1 -32.01 -16.84 -8.88
CA GLU A 1 -30.72 -17.58 -8.96
C GLU A 1 -29.64 -16.79 -8.23
N GLU A 2 -29.38 -15.57 -8.71
CA GLU A 2 -28.11 -14.88 -8.50
C GLU A 2 -27.96 -14.16 -7.15
N VAL A 3 -29.08 -13.72 -6.57
CA VAL A 3 -29.08 -13.26 -5.16
C VAL A 3 -28.70 -14.43 -4.19
N ARG A 4 -29.33 -15.60 -4.41
CA ARG A 4 -29.05 -16.79 -3.61
C ARG A 4 -27.69 -17.41 -3.91
N GLN A 5 -27.28 -17.46 -5.18
CA GLN A 5 -25.97 -18.02 -5.54
C GLN A 5 -24.85 -17.22 -4.89
N PHE A 6 -25.00 -15.90 -4.90
CA PHE A 6 -24.03 -15.04 -4.27
C PHE A 6 -23.92 -15.24 -2.76
N ARG A 7 -25.06 -15.32 -2.06
CA ARG A 7 -25.04 -15.61 -0.63
C ARG A 7 -24.36 -16.94 -0.38
N ARG A 8 -24.64 -17.95 -1.19
CA ARG A 8 -23.95 -19.24 -1.09
C ARG A 8 -22.43 -19.13 -1.16
N LEU A 9 -21.94 -18.36 -2.12
CA LEU A 9 -20.49 -18.29 -2.33
C LEU A 9 -19.81 -17.40 -1.30
N PHE A 10 -20.43 -16.29 -0.87
CA PHE A 10 -19.93 -15.56 0.28
C PHE A 10 -19.82 -16.47 1.54
N ALA A 11 -20.85 -17.25 1.82
CA ALA A 11 -20.85 -18.10 3.02
C ALA A 11 -19.73 -19.13 2.96
N GLN A 12 -19.54 -19.76 1.78
CA GLN A 12 -18.47 -20.76 1.60
C GLN A 12 -17.07 -20.12 1.66
N LEU A 13 -16.94 -18.92 1.16
CA LEU A 13 -15.67 -18.18 1.13
C LEU A 13 -15.30 -17.65 2.52
N ALA A 14 -16.27 -17.10 3.22
CA ALA A 14 -16.06 -16.46 4.52
C ALA A 14 -15.84 -17.48 5.66
N GLY A 15 -16.41 -18.66 5.55
CA GLY A 15 -16.16 -19.72 6.51
C GLY A 15 -16.62 -19.39 7.94
N ASP A 16 -15.90 -19.94 8.92
CA ASP A 16 -16.40 -20.11 10.32
C ASP A 16 -16.69 -18.81 11.06
N ASP A 17 -16.00 -17.72 10.74
CA ASP A 17 -16.27 -16.43 11.36
C ASP A 17 -17.19 -15.52 10.51
N MET A 18 -17.68 -16.03 9.37
CA MET A 18 -18.62 -15.29 8.50
C MET A 18 -18.11 -13.93 7.99
N GLU A 19 -16.78 -13.74 7.92
CA GLU A 19 -16.18 -12.57 7.35
C GLU A 19 -15.02 -12.99 6.45
N VAL A 20 -14.70 -12.16 5.47
CA VAL A 20 -13.64 -12.51 4.49
C VAL A 20 -12.33 -11.81 4.87
N SER A 21 -11.31 -12.60 5.18
CA SER A 21 -9.99 -12.09 5.51
C SER A 21 -9.25 -11.78 4.24
N ALA A 22 -8.13 -11.06 4.39
CA ALA A 22 -7.26 -10.85 3.26
C ALA A 22 -6.77 -12.15 2.61
N THR A 23 -6.47 -13.17 3.39
CA THR A 23 -6.00 -14.45 2.83
C THR A 23 -7.11 -15.12 2.01
N GLU A 24 -8.31 -15.16 2.57
CA GLU A 24 -9.46 -15.71 1.87
C GLU A 24 -9.72 -14.91 0.58
N LEU A 25 -9.60 -13.58 0.64
CA LEU A 25 -9.75 -12.73 -0.56
C LEU A 25 -8.69 -13.05 -1.63
N MET A 26 -7.45 -13.17 -1.18
CA MET A 26 -6.33 -13.53 -2.08
C MET A 26 -6.57 -14.83 -2.83
N ASN A 27 -6.88 -15.85 -2.08
CA ASN A 27 -7.19 -17.15 -2.66
C ASN A 27 -8.32 -17.15 -3.68
N ILE A 28 -9.46 -16.53 -3.36
CA ILE A 28 -10.53 -16.49 -4.37
C ILE A 28 -10.15 -15.67 -5.64
N LEU A 29 -9.46 -14.56 -5.44
CA LEU A 29 -9.09 -13.71 -6.58
C LEU A 29 -8.16 -14.45 -7.52
N ASN A 30 -7.15 -15.12 -6.96
CA ASN A 30 -6.22 -15.94 -7.76
C ASN A 30 -6.87 -17.14 -8.43
N LYS A 31 -7.79 -17.81 -7.73
CA LYS A 31 -8.57 -18.91 -8.34
C LYS A 31 -9.39 -18.39 -9.53
N VAL A 32 -10.10 -17.29 -9.36
CA VAL A 32 -10.92 -16.78 -10.42
C VAL A 32 -10.12 -16.26 -11.64
N VAL A 33 -9.07 -15.45 -11.43
CA VAL A 33 -8.31 -14.94 -12.61
C VAL A 33 -7.69 -16.01 -13.46
N THR A 34 -7.29 -17.13 -12.85
CA THR A 34 -6.87 -18.33 -13.58
C THR A 34 -7.86 -18.77 -14.68
N ARG A 35 -9.15 -18.51 -14.53
CA ARG A 35 -10.15 -18.85 -15.56
C ARG A 35 -10.37 -17.74 -16.59
N HIS A 36 -9.59 -16.67 -16.53
CA HIS A 36 -9.67 -15.63 -17.53
C HIS A 36 -8.26 -15.38 -18.07
N PRO A 37 -7.80 -16.23 -19.02
CA PRO A 37 -6.46 -16.01 -19.54
C PRO A 37 -6.26 -14.65 -20.25
N ASP A 38 -7.33 -13.94 -20.59
CA ASP A 38 -7.23 -12.59 -21.14
C ASP A 38 -6.91 -11.52 -20.07
N LEU A 39 -6.83 -11.90 -18.79
CA LEU A 39 -6.36 -11.03 -17.74
C LEU A 39 -4.92 -11.31 -17.27
N LYS A 40 -3.93 -10.70 -17.90
CA LYS A 40 -2.57 -11.05 -17.53
C LYS A 40 -2.23 -10.53 -16.12
N THR A 41 -1.69 -11.43 -15.26
CA THR A 41 -1.33 -11.13 -13.88
C THR A 41 -0.15 -11.97 -13.44
N ASP A 42 0.71 -11.40 -12.58
CA ASP A 42 1.68 -12.21 -11.79
C ASP A 42 1.07 -12.73 -10.47
N GLY A 43 -0.22 -12.50 -10.24
CA GLY A 43 -0.95 -12.92 -9.03
C GLY A 43 -1.34 -11.76 -8.11
N PHE A 44 -2.37 -11.97 -7.31
CA PHE A 44 -2.73 -11.10 -6.21
C PHE A 44 -1.85 -11.54 -5.04
N GLY A 45 -0.98 -10.64 -4.59
CA GLY A 45 -0.08 -10.85 -3.44
C GLY A 45 -0.77 -10.52 -2.12
N ILE A 46 -0.27 -11.09 -1.03
CA ILE A 46 -0.92 -10.93 0.27
C ILE A 46 -0.98 -9.46 0.65
N ASP A 47 0.07 -8.70 0.37
CA ASP A 47 0.11 -7.32 0.81
C ASP A 47 -0.96 -6.47 0.13
N THR A 48 -1.18 -6.73 -1.16
CA THR A 48 -2.19 -6.01 -1.94
C THR A 48 -3.64 -6.33 -1.41
N CYS A 49 -3.84 -7.58 -1.04
CA CYS A 49 -5.12 -8.01 -0.47
C CYS A 49 -5.37 -7.43 0.94
N ARG A 50 -4.32 -7.25 1.74
CA ARG A 50 -4.46 -6.57 3.07
C ARG A 50 -4.85 -5.13 2.89
N SER A 51 -4.29 -4.52 1.87
CA SER A 51 -4.63 -3.15 1.53
C SER A 51 -6.05 -3.01 1.01
N MET A 52 -6.49 -3.96 0.17
CA MET A 52 -7.87 -3.94 -0.32
C MET A 52 -8.86 -4.17 0.82
N VAL A 53 -8.59 -5.15 1.66
CA VAL A 53 -9.37 -5.32 2.87
C VAL A 53 -9.46 -4.04 3.72
N ALA A 54 -8.31 -3.42 4.07
CA ALA A 54 -8.27 -2.27 5.05
C ALA A 54 -9.09 -1.13 4.55
N VAL A 55 -8.95 -0.89 3.25
CA VAL A 55 -9.65 0.20 2.57
C VAL A 55 -11.17 -0.04 2.49
N MET A 56 -11.61 -1.29 2.37
CA MET A 56 -13.05 -1.63 2.35
C MET A 56 -13.70 -1.92 3.72
N ASP A 57 -12.92 -1.94 4.80
CA ASP A 57 -13.33 -2.35 6.10
C ASP A 57 -13.95 -1.19 6.88
N SER A 58 -15.14 -0.75 6.47
CA SER A 58 -15.82 0.39 7.10
C SER A 58 -16.09 0.27 8.59
N ASP A 59 -16.48 -0.90 9.04
CA ASP A 59 -16.79 -1.11 10.46
C ASP A 59 -15.60 -1.58 11.30
N THR A 60 -14.40 -1.54 10.76
CA THR A 60 -13.15 -1.86 11.46
C THR A 60 -13.07 -3.18 12.22
N THR A 61 -13.70 -4.23 11.71
CA THR A 61 -13.51 -5.55 12.29
C THR A 61 -12.19 -6.22 11.85
N GLY A 62 -11.47 -5.65 10.87
CA GLY A 62 -10.27 -6.27 10.27
C GLY A 62 -10.56 -7.15 9.08
N LYS A 63 -11.84 -7.34 8.75
CA LYS A 63 -12.27 -8.33 7.75
C LYS A 63 -13.50 -7.85 7.03
N LEU A 64 -13.90 -8.52 5.96
CA LEU A 64 -14.96 -8.02 5.14
C LEU A 64 -16.25 -8.79 5.42
N GLY A 65 -17.24 -8.09 5.93
CA GLY A 65 -18.54 -8.70 6.15
C GLY A 65 -19.29 -8.75 4.82
N PHE A 66 -20.53 -9.22 4.86
CA PHE A 66 -21.31 -9.49 3.66
C PHE A 66 -21.45 -8.26 2.79
N GLU A 67 -21.86 -7.13 3.37
CA GLU A 67 -22.12 -5.92 2.57
C GLU A 67 -20.82 -5.32 2.06
N GLU A 68 -19.78 -5.34 2.88
CA GLU A 68 -18.47 -4.79 2.42
C GLU A 68 -17.92 -5.62 1.25
N PHE A 69 -17.99 -6.94 1.37
CA PHE A 69 -17.56 -7.86 0.34
C PHE A 69 -18.34 -7.75 -0.96
N LYS A 70 -19.65 -7.64 -0.85
CA LYS A 70 -20.51 -7.42 -2.00
C LYS A 70 -20.14 -6.10 -2.72
N TYR A 71 -19.93 -5.01 -1.99
CA TYR A 71 -19.53 -3.76 -2.67
C TYR A 71 -18.19 -4.02 -3.41
N LEU A 72 -17.24 -4.67 -2.75
CA LEU A 72 -15.94 -4.89 -3.40
C LEU A 72 -16.08 -5.75 -4.64
N TRP A 73 -16.75 -6.87 -4.46
CA TRP A 73 -16.91 -7.81 -5.53
C TRP A 73 -17.64 -7.21 -6.75
N ASN A 74 -18.71 -6.45 -6.51
CA ASN A 74 -19.43 -5.82 -7.60
C ASN A 74 -18.58 -4.78 -8.36
N ASN A 75 -17.74 -4.04 -7.64
CA ASN A 75 -16.77 -3.17 -8.33
C ASN A 75 -15.79 -3.97 -9.17
N ILE A 76 -15.19 -5.01 -8.59
CA ILE A 76 -14.21 -5.85 -9.33
C ILE A 76 -14.85 -6.36 -10.62
N LYS A 77 -16.11 -6.85 -10.54
CA LYS A 77 -16.83 -7.29 -11.72
C LYS A 77 -17.06 -6.24 -12.78
N ARG A 78 -17.41 -5.01 -12.41
CA ARG A 78 -17.50 -3.90 -13.39
C ARG A 78 -16.12 -3.57 -13.94
N TRP A 79 -15.13 -3.52 -13.08
CA TRP A 79 -13.78 -3.11 -13.51
C TRP A 79 -13.10 -4.12 -14.39
N GLN A 80 -13.26 -5.42 -14.12
CA GLN A 80 -12.71 -6.43 -15.01
C GLN A 80 -13.28 -6.35 -16.43
N ALA A 81 -14.57 -6.09 -16.56
CA ALA A 81 -15.18 -5.92 -17.85
C ALA A 81 -14.63 -4.71 -18.61
N ILE A 82 -14.40 -3.61 -17.91
CA ILE A 82 -13.77 -2.41 -18.45
C ILE A 82 -12.33 -2.67 -18.92
N TYR A 83 -11.56 -3.38 -18.11
CA TYR A 83 -10.24 -3.80 -18.48
C TYR A 83 -10.18 -4.57 -19.79
N LYS A 84 -11.03 -5.56 -19.96
CA LYS A 84 -11.10 -6.29 -21.24
C LYS A 84 -11.52 -5.40 -22.40
N GLN A 85 -12.50 -4.55 -22.16
CA GLN A 85 -12.98 -3.63 -23.18
C GLN A 85 -11.92 -2.62 -23.68
N PHE A 86 -11.11 -2.09 -22.77
CA PHE A 86 -10.09 -1.07 -23.13
C PHE A 86 -8.71 -1.63 -23.45
N ASP A 87 -8.52 -2.94 -23.32
CA ASP A 87 -7.33 -3.63 -23.82
C ASP A 87 -7.49 -3.84 -25.36
N THR A 88 -7.47 -2.73 -26.13
CA THR A 88 -7.80 -2.76 -27.56
C THR A 88 -6.79 -3.49 -28.45
N ASP A 89 -5.59 -3.75 -27.95
CA ASP A 89 -4.61 -4.57 -28.68
C ASP A 89 -4.55 -6.00 -28.16
N ARG A 90 -5.39 -6.37 -27.18
CA ARG A 90 -5.40 -7.73 -26.62
C ARG A 90 -4.02 -8.21 -26.11
N SER A 91 -3.27 -7.30 -25.49
CA SER A 91 -2.01 -7.65 -24.83
C SER A 91 -2.27 -8.33 -23.49
N GLY A 92 -3.53 -8.29 -23.01
CA GLY A 92 -3.86 -8.72 -21.63
C GLY A 92 -3.43 -7.72 -20.55
N THR A 93 -3.05 -6.50 -20.95
CA THR A 93 -2.56 -5.46 -20.04
C THR A 93 -3.03 -4.08 -20.53
N ILE A 94 -3.02 -3.09 -19.66
CA ILE A 94 -3.50 -1.76 -20.03
C ILE A 94 -2.30 -0.87 -20.13
N CYS A 95 -1.98 -0.38 -21.33
CA CYS A 95 -0.85 0.55 -21.51
C CYS A 95 -1.25 2.02 -21.22
N SER A 96 -0.24 2.89 -21.20
CA SER A 96 -0.42 4.32 -20.94
C SER A 96 -1.51 4.97 -21.79
N SER A 97 -1.63 4.59 -23.06
CA SER A 97 -2.64 5.23 -23.94
C SER A 97 -4.06 4.66 -23.75
N GLU A 98 -4.17 3.42 -23.26
CA GLU A 98 -5.45 2.80 -22.97
C GLU A 98 -6.02 3.24 -21.59
N LEU A 99 -5.15 3.70 -20.70
CA LEU A 99 -5.51 3.90 -19.32
C LEU A 99 -6.57 4.98 -19.07
N PRO A 100 -6.44 6.18 -19.71
CA PRO A 100 -7.40 7.25 -19.43
C PRO A 100 -8.83 6.85 -19.84
N GLY A 101 -8.98 6.14 -20.95
CA GLY A 101 -10.28 5.63 -21.39
C GLY A 101 -10.88 4.66 -20.39
N ALA A 102 -10.04 3.72 -19.93
CA ALA A 102 -10.46 2.77 -18.91
C ALA A 102 -10.90 3.45 -17.60
N PHE A 103 -10.09 4.38 -17.07
CA PHE A 103 -10.42 5.07 -15.81
C PHE A 103 -11.66 5.96 -15.97
N GLU A 104 -11.73 6.63 -17.09
CA GLU A 104 -12.87 7.42 -17.43
C GLU A 104 -14.14 6.56 -17.53
N ALA A 105 -14.07 5.38 -18.16
CA ALA A 105 -15.19 4.44 -18.10
C ALA A 105 -15.53 3.97 -16.68
N ALA A 106 -14.59 3.98 -15.74
CA ALA A 106 -14.93 3.72 -14.30
C ALA A 106 -15.41 4.97 -13.53
N GLY A 107 -15.60 6.11 -14.18
CA GLY A 107 -16.05 7.35 -13.51
C GLY A 107 -14.97 8.30 -12.98
N PHE A 108 -13.70 8.13 -13.33
CA PHE A 108 -12.64 9.01 -12.80
C PHE A 108 -12.03 9.85 -13.92
N HIS A 109 -12.02 11.18 -13.79
CA HIS A 109 -11.45 12.07 -14.79
C HIS A 109 -10.32 12.84 -14.12
N LEU A 110 -9.14 12.33 -14.27
CA LEU A 110 -8.01 12.80 -13.52
C LEU A 110 -7.19 13.66 -14.46
N ASN A 111 -6.44 14.61 -13.94
CA ASN A 111 -5.51 15.34 -14.75
C ASN A 111 -4.24 14.52 -15.14
N GLU A 112 -3.53 15.03 -16.13
CA GLU A 112 -2.32 14.39 -16.66
C GLU A 112 -1.26 14.06 -15.59
N HIS A 113 -0.99 15.00 -14.71
CA HIS A 113 -0.04 14.82 -13.63
C HIS A 113 -0.41 13.59 -12.73
N LEU A 114 -1.68 13.42 -12.48
CA LEU A 114 -2.12 12.29 -11.64
C LEU A 114 -1.98 11.00 -12.43
N TYR A 115 -2.35 10.99 -13.73
CA TYR A 115 -2.20 9.77 -14.53
C TYR A 115 -0.71 9.42 -14.54
N ASN A 116 0.18 10.40 -14.61
CA ASN A 116 1.60 10.09 -14.62
C ASN A 116 2.11 9.45 -13.30
N MET A 117 1.66 9.97 -12.17
CA MET A 117 2.00 9.39 -10.91
C MET A 117 1.48 7.93 -10.81
N ILE A 118 0.22 7.70 -11.17
CA ILE A 118 -0.38 6.38 -11.20
C ILE A 118 0.37 5.40 -12.08
N ILE A 119 0.81 5.81 -13.25
CA ILE A 119 1.62 4.99 -14.14
C ILE A 119 2.98 4.66 -13.51
N ARG A 120 3.59 5.61 -12.81
CA ARG A 120 4.87 5.32 -12.14
C ARG A 120 4.67 4.29 -11.04
N ARG A 121 3.59 4.41 -10.30
CA ARG A 121 3.41 3.59 -9.12
C ARG A 121 2.90 2.17 -9.49
N TYR A 122 2.09 2.06 -10.51
CA TYR A 122 1.41 0.84 -10.81
C TYR A 122 1.74 0.15 -12.09
N SER A 123 2.35 0.80 -13.09
CA SER A 123 2.62 0.17 -14.38
C SER A 123 4.10 -0.17 -14.52
N ASP A 124 4.49 -1.05 -15.43
CA ASP A 124 5.90 -1.51 -15.52
C ASP A 124 6.73 -0.52 -16.32
N GLU A 125 7.99 -0.84 -16.58
CA GLU A 125 8.82 0.16 -17.23
C GLU A 125 8.41 0.43 -18.73
N SER A 126 7.57 -0.44 -19.32
CA SER A 126 6.89 -0.16 -20.60
C SER A 126 5.67 0.77 -20.51
N GLY A 127 5.25 1.09 -19.29
CA GLY A 127 4.02 1.80 -19.08
C GLY A 127 2.82 0.87 -19.21
N ASN A 128 3.03 -0.44 -19.04
CA ASN A 128 1.94 -1.45 -19.07
C ASN A 128 1.53 -1.86 -17.68
N MET A 129 0.22 -1.91 -17.44
CA MET A 129 -0.38 -2.25 -16.15
C MET A 129 -1.18 -3.58 -16.25
N ASP A 130 -0.86 -4.55 -15.41
CA ASP A 130 -1.49 -5.87 -15.47
C ASP A 130 -2.71 -5.83 -14.54
N PHE A 131 -3.39 -6.96 -14.36
CA PHE A 131 -4.72 -6.90 -13.85
C PHE A 131 -4.79 -6.67 -12.35
N ASP A 132 -3.96 -7.36 -11.57
CA ASP A 132 -3.95 -7.20 -10.15
C ASP A 132 -3.55 -5.73 -9.80
N ASN A 133 -2.59 -5.17 -10.53
CA ASN A 133 -2.21 -3.77 -10.30
C ASN A 133 -3.37 -2.83 -10.61
N PHE A 134 -4.10 -3.11 -11.67
CA PHE A 134 -5.23 -2.27 -12.09
C PHE A 134 -6.35 -2.26 -11.05
N ILE A 135 -6.75 -3.45 -10.60
CA ILE A 135 -7.72 -3.61 -9.55
C ILE A 135 -7.29 -2.94 -8.26
N SER A 136 -6.08 -3.22 -7.85
CA SER A 136 -5.51 -2.65 -6.65
C SER A 136 -5.55 -1.08 -6.72
N CYS A 137 -5.18 -0.54 -7.87
CA CYS A 137 -5.19 0.92 -8.11
C CYS A 137 -6.63 1.50 -8.01
N LEU A 138 -7.54 0.88 -8.71
CA LEU A 138 -8.95 1.31 -8.68
C LEU A 138 -9.64 1.16 -7.31
N VAL A 139 -9.40 0.08 -6.58
CA VAL A 139 -10.01 -0.09 -5.25
C VAL A 139 -9.57 1.10 -4.39
N ARG A 140 -8.26 1.35 -4.43
CA ARG A 140 -7.72 2.44 -3.65
C ARG A 140 -8.27 3.78 -4.07
N LEU A 141 -8.26 4.04 -5.39
CA LEU A 141 -8.71 5.31 -5.90
C LEU A 141 -10.17 5.62 -5.55
N ASP A 142 -11.04 4.63 -5.81
CA ASP A 142 -12.41 4.75 -5.44
C ASP A 142 -12.56 4.98 -3.91
N ALA A 143 -11.78 4.27 -3.11
CA ALA A 143 -11.88 4.48 -1.67
C ALA A 143 -11.43 5.87 -1.25
N MET A 144 -10.37 6.40 -1.89
CA MET A 144 -9.89 7.73 -1.53
C MET A 144 -10.84 8.83 -1.91
N PHE A 145 -11.51 8.75 -3.07
CA PHE A 145 -12.52 9.69 -3.41
C PHE A 145 -13.68 9.67 -2.38
N ARG A 146 -14.13 8.47 -2.06
CA ARG A 146 -15.21 8.29 -1.09
C ARG A 146 -14.86 8.86 0.29
N ALA A 147 -13.65 8.59 0.79
CA ALA A 147 -13.20 9.15 2.05
C ALA A 147 -13.19 10.68 2.09
N PHE A 148 -12.66 11.29 1.03
CA PHE A 148 -12.63 12.71 0.90
C PHE A 148 -14.03 13.28 0.84
N LYS A 149 -14.90 12.71 0.01
CA LYS A 149 -16.28 13.19 -0.10
C LYS A 149 -17.06 13.11 1.19
N SER A 150 -16.82 12.09 2.00
CA SER A 150 -17.41 11.96 3.35
C SER A 150 -17.02 13.04 4.30
N LEU A 151 -15.80 13.54 4.17
CA LEU A 151 -15.33 14.68 4.93
C LEU A 151 -15.63 16.07 4.32
N ASP A 152 -16.13 16.14 3.09
CA ASP A 152 -16.46 17.39 2.38
C ASP A 152 -17.87 17.40 1.81
N LYS A 153 -18.85 17.49 2.68
CA LYS A 153 -20.25 17.30 2.23
C LYS A 153 -20.77 18.41 1.32
N ASP A 154 -20.40 19.65 1.63
CA ASP A 154 -20.80 20.83 0.83
C ASP A 154 -19.98 21.10 -0.47
N GLY A 155 -19.07 20.19 -0.87
CA GLY A 155 -18.37 20.28 -2.16
C GLY A 155 -17.45 21.50 -2.26
N THR A 156 -16.75 21.76 -1.16
CA THR A 156 -15.80 22.82 -1.02
C THR A 156 -14.52 22.46 -1.79
N GLY A 157 -14.28 21.17 -2.00
CA GLY A 157 -13.01 20.70 -2.52
C GLY A 157 -11.87 20.70 -1.50
N GLN A 158 -12.16 20.93 -0.22
CA GLN A 158 -11.17 20.90 0.85
C GLN A 158 -11.69 20.20 2.06
N ILE A 159 -10.77 19.54 2.78
CA ILE A 159 -11.03 18.96 4.10
C ILE A 159 -9.98 19.50 5.07
N GLN A 160 -10.34 19.54 6.33
CA GLN A 160 -9.46 20.01 7.36
C GLN A 160 -9.23 18.91 8.34
N VAL A 161 -7.98 18.57 8.60
CA VAL A 161 -7.69 17.44 9.47
C VAL A 161 -6.60 17.68 10.51
N ASN A 162 -6.78 17.09 11.69
CA ASN A 162 -5.66 16.97 12.63
C ASN A 162 -4.76 15.75 12.37
N ILE A 163 -3.68 15.60 13.12
CA ILE A 163 -2.71 14.51 12.89
C ILE A 163 -3.35 13.12 13.10
N GLN A 164 -4.17 12.98 14.13
CA GLN A 164 -4.84 11.70 14.41
C GLN A 164 -5.72 11.27 13.22
N GLU A 165 -6.52 12.20 12.73
CA GLU A 165 -7.38 11.96 11.62
C GLU A 165 -6.60 11.63 10.32
N TRP A 166 -5.57 12.43 10.06
CA TRP A 166 -4.71 12.22 8.96
C TRP A 166 -4.13 10.80 8.98
N LEU A 167 -3.57 10.39 10.11
CA LEU A 167 -2.95 9.09 10.23
C LEU A 167 -3.97 7.99 10.05
N GLN A 168 -5.16 8.15 10.62
CA GLN A 168 -6.26 7.19 10.38
C GLN A 168 -6.59 7.06 8.87
N LEU A 169 -6.58 8.20 8.13
CA LEU A 169 -6.95 8.20 6.75
C LEU A 169 -5.88 7.65 5.87
N THR A 170 -4.62 7.78 6.26
CA THR A 170 -3.53 7.47 5.36
C THR A 170 -2.81 6.16 5.67
N MET A 171 -2.91 5.67 6.90
CA MET A 171 -2.31 4.43 7.40
C MET A 171 -3.35 3.21 7.50
N TYR A 172 -4.66 3.47 7.71
CA TYR A 172 -5.66 2.44 7.50
C TYR A 172 -6.19 2.45 6.08
N SER A 173 -5.28 1.92 5.25
CA SER A 173 -5.42 1.86 3.84
C SER A 173 -4.28 0.95 3.29
N GLU B 1 36.01 6.33 6.02
CA GLU B 1 35.57 4.99 5.55
C GLU B 1 34.12 5.06 5.04
N GLU B 2 33.21 5.45 5.93
CA GLU B 2 31.78 5.12 5.81
C GLU B 2 30.96 6.05 4.90
N VAL B 3 31.40 7.30 4.75
CA VAL B 3 30.87 8.19 3.69
C VAL B 3 31.21 7.61 2.29
N ARG B 4 32.46 7.21 2.10
CA ARG B 4 32.91 6.63 0.82
C ARG B 4 32.36 5.21 0.59
N GLN B 5 32.34 4.37 1.61
CA GLN B 5 31.80 3.00 1.48
C GLN B 5 30.33 3.03 1.06
N PHE B 6 29.58 3.96 1.63
CA PHE B 6 28.20 4.16 1.28
C PHE B 6 27.99 4.62 -0.16
N ARG B 7 28.75 5.61 -0.61
CA ARG B 7 28.68 6.00 -2.02
C ARG B 7 28.98 4.84 -2.91
N ARG B 8 29.97 4.02 -2.58
CA ARG B 8 30.27 2.81 -3.36
C ARG B 8 29.07 1.87 -3.50
N LEU B 9 28.38 1.62 -2.39
CA LEU B 9 27.33 0.63 -2.43
C LEU B 9 26.05 1.19 -3.11
N PHE B 10 25.75 2.48 -2.92
CA PHE B 10 24.71 3.13 -3.75
C PHE B 10 24.97 2.97 -5.24
N ALA B 11 26.19 3.25 -5.66
CA ALA B 11 26.52 3.24 -7.06
C ALA B 11 26.33 1.86 -7.61
N GLN B 12 26.79 0.84 -6.86
CA GLN B 12 26.72 -0.55 -7.33
C GLN B 12 25.25 -1.04 -7.35
N LEU B 13 24.46 -0.58 -6.41
CA LEU B 13 23.03 -0.96 -6.34
C LEU B 13 22.18 -0.24 -7.41
N ALA B 14 22.42 1.04 -7.57
CA ALA B 14 21.66 1.86 -8.50
C ALA B 14 21.96 1.52 -9.98
N GLY B 15 23.18 1.09 -10.30
CA GLY B 15 23.53 0.66 -11.65
C GLY B 15 23.44 1.76 -12.71
N ASP B 16 23.08 1.35 -13.94
CA ASP B 16 23.23 2.14 -15.14
C ASP B 16 22.48 3.45 -15.22
N ASP B 17 21.30 3.55 -14.62
CA ASP B 17 20.60 4.85 -14.55
C ASP B 17 20.88 5.69 -13.28
N MET B 18 21.74 5.19 -12.41
CA MET B 18 22.08 5.91 -11.14
C MET B 18 20.94 6.27 -10.20
N GLU B 19 19.85 5.49 -10.25
CA GLU B 19 18.74 5.62 -9.31
C GLU B 19 18.33 4.18 -8.91
N VAL B 20 17.75 4.06 -7.74
CA VAL B 20 17.38 2.75 -7.20
C VAL B 20 15.88 2.51 -7.48
N SER B 21 15.61 1.50 -8.28
CA SER B 21 14.23 1.14 -8.62
C SER B 21 13.66 0.28 -7.49
N ALA B 22 12.35 0.08 -7.52
CA ALA B 22 11.68 -0.81 -6.58
C ALA B 22 12.21 -2.25 -6.67
N THR B 23 12.52 -2.73 -7.84
CA THR B 23 13.12 -4.03 -8.00
C THR B 23 14.54 -4.16 -7.40
N GLU B 24 15.38 -3.16 -7.69
CA GLU B 24 16.69 -3.08 -7.08
C GLU B 24 16.59 -3.01 -5.54
N LEU B 25 15.65 -2.21 -5.01
CA LEU B 25 15.45 -2.10 -3.61
C LEU B 25 15.03 -3.45 -2.98
N MET B 26 14.07 -4.07 -3.61
CA MET B 26 13.59 -5.39 -3.22
C MET B 26 14.75 -6.40 -3.11
N ASN B 27 15.52 -6.50 -4.16
CA ASN B 27 16.62 -7.39 -4.18
C ASN B 27 17.67 -7.16 -3.07
N ILE B 28 18.12 -5.94 -2.86
CA ILE B 28 19.01 -5.66 -1.75
C ILE B 28 18.43 -5.93 -0.35
N LEU B 29 17.18 -5.57 -0.14
CA LEU B 29 16.55 -5.79 1.16
C LEU B 29 16.44 -7.32 1.43
N ASN B 30 16.01 -8.11 0.46
CA ASN B 30 15.99 -9.57 0.57
C ASN B 30 17.36 -10.22 0.74
N LYS B 31 18.36 -9.72 0.04
CA LYS B 31 19.76 -10.21 0.21
C LYS B 31 20.27 -9.93 1.61
N VAL B 32 20.05 -8.74 2.12
CA VAL B 32 20.53 -8.40 3.44
C VAL B 32 19.76 -9.18 4.54
N VAL B 33 18.43 -9.24 4.50
CA VAL B 33 17.71 -9.99 5.58
C VAL B 33 18.08 -11.47 5.70
N THR B 34 18.39 -12.11 4.60
CA THR B 34 18.98 -13.46 4.57
C THR B 34 20.17 -13.64 5.54
N ARG B 35 20.95 -12.60 5.79
N ARG B 35 20.96 -12.60 5.77
CA ARG B 35 22.06 -12.67 6.73
CA ARG B 35 22.06 -12.64 6.74
C ARG B 35 21.69 -12.35 8.17
C ARG B 35 21.62 -12.64 8.18
N HIS B 36 20.40 -12.18 8.47
CA HIS B 36 19.96 -11.89 9.82
C HIS B 36 18.87 -12.91 10.19
N PRO B 37 19.27 -14.13 10.63
CA PRO B 37 18.26 -15.15 10.91
C PRO B 37 17.40 -14.81 12.13
N ASP B 38 17.75 -13.77 12.87
CA ASP B 38 16.84 -13.19 13.86
C ASP B 38 15.69 -12.31 13.34
N LEU B 39 15.64 -12.01 12.03
CA LEU B 39 14.55 -11.27 11.44
C LEU B 39 13.70 -12.32 10.71
N LYS B 40 12.47 -12.60 11.16
CA LYS B 40 11.54 -13.40 10.40
C LYS B 40 10.75 -12.59 9.38
N THR B 41 10.73 -13.10 8.14
CA THR B 41 10.07 -12.47 7.01
C THR B 41 9.62 -13.51 6.02
N ASP B 42 8.50 -13.27 5.38
CA ASP B 42 8.18 -14.02 4.17
C ASP B 42 8.86 -13.40 2.90
N GLY B 43 9.64 -12.35 3.07
CA GLY B 43 10.26 -11.58 1.98
C GLY B 43 9.68 -10.19 1.75
N PHE B 44 10.46 -9.30 1.21
CA PHE B 44 9.99 -8.04 0.70
C PHE B 44 9.44 -8.33 -0.71
N GLY B 45 8.14 -8.12 -0.90
CA GLY B 45 7.44 -8.31 -2.13
C GLY B 45 7.52 -7.04 -3.00
N ILE B 46 7.30 -7.20 -4.29
CA ILE B 46 7.45 -6.13 -5.25
C ILE B 46 6.47 -4.98 -4.96
N ASP B 47 5.24 -5.28 -4.57
CA ASP B 47 4.26 -4.26 -4.31
C ASP B 47 4.59 -3.41 -3.11
N THR B 48 5.09 -4.01 -2.05
CA THR B 48 5.58 -3.26 -0.90
C THR B 48 6.76 -2.30 -1.22
N CYS B 49 7.67 -2.79 -2.04
CA CYS B 49 8.85 -1.98 -2.47
C CYS B 49 8.43 -0.82 -3.38
N ARG B 50 7.44 -1.01 -4.23
CA ARG B 50 6.89 0.08 -5.08
C ARG B 50 6.27 1.17 -4.24
N SER B 51 5.62 0.74 -3.17
CA SER B 51 5.07 1.65 -2.19
C SER B 51 6.15 2.40 -1.42
N MET B 52 7.19 1.70 -0.99
CA MET B 52 8.28 2.39 -0.27
C MET B 52 8.95 3.35 -1.20
N VAL B 53 9.24 2.93 -2.42
CA VAL B 53 9.80 3.84 -3.43
C VAL B 53 8.93 5.12 -3.69
N ALA B 54 7.62 4.94 -3.94
CA ALA B 54 6.71 6.05 -4.19
C ALA B 54 6.69 7.06 -3.05
N VAL B 55 6.63 6.55 -1.81
CA VAL B 55 6.57 7.38 -0.64
C VAL B 55 7.85 8.16 -0.36
N MET B 56 8.99 7.59 -0.69
CA MET B 56 10.28 8.29 -0.61
C MET B 56 10.71 9.11 -1.82
N ASP B 57 9.95 9.06 -2.92
CA ASP B 57 10.33 9.65 -4.18
C ASP B 57 9.84 11.12 -4.22
N SER B 58 10.47 11.96 -3.41
CA SER B 58 10.14 13.40 -3.37
C SER B 58 10.14 14.14 -4.70
N ASP B 59 11.13 13.88 -5.55
CA ASP B 59 11.23 14.60 -6.85
C ASP B 59 10.48 13.92 -8.03
N THR B 60 9.66 12.90 -7.73
CA THR B 60 8.82 12.18 -8.71
C THR B 60 9.53 11.63 -9.95
N THR B 61 10.77 11.21 -9.84
CA THR B 61 11.42 10.55 -11.00
C THR B 61 10.96 9.08 -11.21
N GLY B 62 10.26 8.53 -10.24
CA GLY B 62 9.89 7.11 -10.22
C GLY B 62 10.90 6.21 -9.52
N LYS B 63 12.05 6.77 -9.11
CA LYS B 63 13.13 5.99 -8.55
C LYS B 63 13.87 6.78 -7.48
N LEU B 64 14.78 6.14 -6.75
CA LEU B 64 15.34 6.74 -5.57
C LEU B 64 16.75 7.19 -5.94
N GLY B 65 16.94 8.49 -5.92
CA GLY B 65 18.31 9.02 -6.13
C GLY B 65 19.13 8.91 -4.86
N PHE B 66 20.31 9.50 -4.85
CA PHE B 66 21.25 9.30 -3.78
C PHE B 66 20.73 9.77 -2.43
N GLU B 67 20.15 10.96 -2.36
CA GLU B 67 19.72 11.52 -1.07
C GLU B 67 18.45 10.81 -0.59
N GLU B 68 17.55 10.49 -1.51
CA GLU B 68 16.34 9.78 -1.12
C GLU B 68 16.67 8.40 -0.53
N PHE B 69 17.55 7.67 -1.20
CA PHE B 69 17.95 6.35 -0.78
C PHE B 69 18.70 6.41 0.53
N LYS B 70 19.64 7.37 0.70
CA LYS B 70 20.36 7.53 1.96
C LYS B 70 19.41 7.75 3.14
N TYR B 71 18.37 8.58 2.96
CA TYR B 71 17.41 8.79 4.01
C TYR B 71 16.72 7.45 4.33
N LEU B 72 16.27 6.73 3.31
CA LEU B 72 15.56 5.47 3.55
C LEU B 72 16.46 4.47 4.26
N TRP B 73 17.64 4.26 3.73
CA TRP B 73 18.57 3.30 4.23
C TRP B 73 19.04 3.56 5.66
N ASN B 74 19.32 4.83 5.98
CA ASN B 74 19.61 5.19 7.35
C ASN B 74 18.42 4.93 8.33
N ASN B 75 17.18 5.18 7.92
CA ASN B 75 16.05 4.78 8.77
C ASN B 75 15.97 3.24 8.95
N ILE B 76 16.08 2.50 7.87
CA ILE B 76 16.02 1.02 7.92
C ILE B 76 17.06 0.48 8.87
N LYS B 77 18.28 1.04 8.83
CA LYS B 77 19.30 0.66 9.78
C LYS B 77 18.98 0.92 11.22
N ARG B 78 18.44 2.08 11.55
CA ARG B 78 18.00 2.35 12.93
C ARG B 78 16.82 1.41 13.28
N TRP B 79 15.91 1.26 12.36
CA TRP B 79 14.67 0.49 12.64
C TRP B 79 14.89 -1.01 12.81
N GLN B 80 15.81 -1.61 12.05
CA GLN B 80 16.15 -3.00 12.27
C GLN B 80 16.73 -3.25 13.63
N ALA B 81 17.58 -2.35 14.12
CA ALA B 81 18.13 -2.50 15.42
C ALA B 81 17.08 -2.41 16.54
N ILE B 82 16.15 -1.50 16.39
CA ILE B 82 14.96 -1.41 17.28
C ILE B 82 14.08 -2.71 17.27
N TYR B 83 13.78 -3.24 16.08
CA TYR B 83 13.10 -4.50 15.96
C TYR B 83 13.74 -5.62 16.75
N LYS B 84 15.06 -5.80 16.62
CA LYS B 84 15.76 -6.79 17.40
C LYS B 84 15.71 -6.55 18.91
N GLN B 85 15.89 -5.30 19.28
CA GLN B 85 15.86 -4.92 20.69
C GLN B 85 14.48 -5.19 21.35
N PHE B 86 13.39 -4.94 20.63
CA PHE B 86 12.01 -5.10 21.21
C PHE B 86 11.36 -6.44 20.93
N ASP B 87 12.03 -7.33 20.17
CA ASP B 87 11.66 -8.74 20.07
C ASP B 87 12.18 -9.53 21.29
N THR B 88 11.59 -9.22 22.46
CA THR B 88 12.12 -9.72 23.75
C THR B 88 11.99 -11.23 23.96
N ASP B 89 11.16 -11.91 23.18
CA ASP B 89 11.04 -13.36 23.25
C ASP B 89 11.74 -14.05 22.09
N ARG B 90 12.43 -13.31 21.22
CA ARG B 90 13.14 -13.91 20.09
C ARG B 90 12.25 -14.82 19.20
N SER B 91 11.02 -14.38 18.98
CA SER B 91 10.11 -15.01 18.02
C SER B 91 10.49 -14.62 16.62
N GLY B 92 11.35 -13.62 16.47
CA GLY B 92 11.65 -13.03 15.18
C GLY B 92 10.57 -12.11 14.65
N THR B 93 9.58 -11.74 15.48
CA THR B 93 8.44 -10.93 15.09
C THR B 93 8.04 -10.00 16.22
N ILE B 94 7.33 -8.94 15.88
CA ILE B 94 6.94 -8.00 16.90
C ILE B 94 5.44 -8.22 17.16
N CYS B 95 5.09 -8.65 18.36
CA CYS B 95 3.66 -8.87 18.71
C CYS B 95 3.04 -7.58 19.20
N SER B 96 1.72 -7.65 19.44
CA SER B 96 0.95 -6.49 19.94
C SER B 96 1.55 -5.85 21.18
N SER B 97 2.06 -6.62 22.11
CA SER B 97 2.61 -6.00 23.36
C SER B 97 4.00 -5.40 23.20
N GLU B 98 4.76 -5.87 22.20
CA GLU B 98 6.09 -5.36 21.95
C GLU B 98 6.03 -4.07 21.06
N LEU B 99 4.94 -3.89 20.32
CA LEU B 99 4.86 -2.88 19.33
C LEU B 99 4.94 -1.40 19.80
N PRO B 100 4.21 -1.04 20.86
CA PRO B 100 4.27 0.36 21.34
C PRO B 100 5.66 0.80 21.75
N GLY B 101 6.38 -0.06 22.46
CA GLY B 101 7.76 0.21 22.86
C GLY B 101 8.66 0.42 21.64
N ALA B 102 8.51 -0.48 20.68
CA ALA B 102 9.29 -0.36 19.41
C ALA B 102 9.01 0.95 18.65
N PHE B 103 7.76 1.29 18.45
CA PHE B 103 7.39 2.52 17.73
C PHE B 103 7.81 3.77 18.51
N GLU B 104 7.61 3.72 19.80
CA GLU B 104 8.06 4.77 20.66
C GLU B 104 9.58 4.93 20.60
N ALA B 105 10.35 3.85 20.62
CA ALA B 105 11.80 3.94 20.37
C ALA B 105 12.16 4.54 19.00
N ALA B 106 11.30 4.42 17.98
CA ALA B 106 11.51 5.11 16.70
C ALA B 106 11.00 6.56 16.67
N GLY B 107 10.55 7.11 17.79
CA GLY B 107 10.07 8.50 17.81
C GLY B 107 8.60 8.72 17.49
N PHE B 108 7.75 7.67 17.47
CA PHE B 108 6.32 7.84 17.24
C PHE B 108 5.53 7.51 18.50
N HIS B 109 4.76 8.47 18.99
CA HIS B 109 3.95 8.31 20.20
C HIS B 109 2.57 8.38 19.70
N LEU B 110 1.97 7.21 19.56
CA LEU B 110 0.63 7.13 19.02
C LEU B 110 -0.32 6.74 20.15
N ASN B 111 -1.57 7.07 20.06
CA ASN B 111 -2.51 6.57 21.05
C ASN B 111 -2.96 5.10 20.78
N GLU B 112 -3.68 4.53 21.75
CA GLU B 112 -4.17 3.14 21.70
C GLU B 112 -4.98 2.83 20.44
N HIS B 113 -5.89 3.71 20.08
CA HIS B 113 -6.71 3.53 18.88
C HIS B 113 -5.85 3.40 17.56
N LEU B 114 -4.80 4.17 17.47
CA LEU B 114 -3.96 4.14 16.32
C LEU B 114 -3.09 2.88 16.33
N TYR B 115 -2.54 2.48 17.50
CA TYR B 115 -1.84 1.22 17.57
C TYR B 115 -2.78 0.06 17.16
N ASN B 116 -4.04 0.08 17.59
CA ASN B 116 -4.95 -0.95 17.18
C ASN B 116 -5.18 -1.01 15.65
N MET B 117 -5.33 0.16 15.05
N MET B 117 -5.25 0.17 15.07
CA MET B 117 -5.50 0.25 13.62
CA MET B 117 -5.45 0.29 13.64
C MET B 117 -4.28 -0.30 12.84
C MET B 117 -4.26 -0.31 12.85
N ILE B 118 -3.10 0.05 13.30
CA ILE B 118 -1.86 -0.44 12.72
C ILE B 118 -1.73 -1.95 12.80
N ILE B 119 -2.12 -2.53 13.93
CA ILE B 119 -2.10 -3.95 14.11
C ILE B 119 -3.08 -4.63 13.19
N ARG B 120 -4.29 -4.05 13.01
CA ARG B 120 -5.28 -4.62 12.11
C ARG B 120 -4.75 -4.64 10.68
N ARG B 121 -4.10 -3.57 10.29
CA ARG B 121 -3.61 -3.44 8.91
C ARG B 121 -2.29 -4.18 8.59
N TYR B 122 -1.37 -4.25 9.53
CA TYR B 122 -0.06 -4.79 9.27
C TYR B 122 0.34 -6.07 9.93
N SER B 123 -0.37 -6.52 10.98
CA SER B 123 0.05 -7.68 11.72
C SER B 123 -0.89 -8.80 11.37
N ASP B 124 -0.53 -10.03 11.64
CA ASP B 124 -1.33 -11.15 11.12
C ASP B 124 -2.49 -11.44 12.08
N GLU B 125 -3.24 -12.52 11.86
CA GLU B 125 -4.35 -12.85 12.73
C GLU B 125 -3.94 -13.09 14.23
N SER B 126 -2.68 -13.49 14.45
CA SER B 126 -2.13 -13.59 15.81
C SER B 126 -1.75 -12.26 16.47
N GLY B 127 -1.80 -11.16 15.70
CA GLY B 127 -1.32 -9.88 16.20
C GLY B 127 0.22 -9.84 16.13
N ASN B 128 0.83 -10.65 15.26
CA ASN B 128 2.28 -10.61 15.00
C ASN B 128 2.65 -9.95 13.74
N MET B 129 3.68 -9.10 13.81
CA MET B 129 4.13 -8.34 12.71
C MET B 129 5.59 -8.80 12.36
N ASP B 130 5.79 -9.24 11.14
CA ASP B 130 7.14 -9.69 10.69
C ASP B 130 7.92 -8.50 10.14
N PHE B 131 9.11 -8.74 9.65
CA PHE B 131 10.05 -7.66 9.51
C PHE B 131 9.74 -6.74 8.31
N ASP B 132 9.36 -7.33 7.19
CA ASP B 132 9.04 -6.55 6.04
C ASP B 132 7.80 -5.69 6.33
N ASN B 133 6.84 -6.23 7.08
CA ASN B 133 5.59 -5.47 7.41
C ASN B 133 5.92 -4.29 8.35
N PHE B 134 6.82 -4.54 9.28
CA PHE B 134 7.28 -3.53 10.21
C PHE B 134 7.99 -2.35 9.52
N ILE B 135 8.93 -2.66 8.64
CA ILE B 135 9.63 -1.65 7.86
C ILE B 135 8.69 -0.88 6.96
N SER B 136 7.89 -1.60 6.24
CA SER B 136 6.94 -1.05 5.37
C SER B 136 5.98 -0.03 6.16
N CYS B 137 5.53 -0.45 7.32
CA CYS B 137 4.65 0.40 8.16
C CYS B 137 5.39 1.71 8.60
N LEU B 138 6.58 1.55 9.11
CA LEU B 138 7.40 2.66 9.53
C LEU B 138 7.79 3.62 8.43
N VAL B 139 8.17 3.11 7.26
CA VAL B 139 8.49 3.99 6.15
C VAL B 139 7.25 4.92 5.86
N ARG B 140 6.09 4.31 5.76
CA ARG B 140 4.89 5.03 5.50
C ARG B 140 4.47 5.99 6.62
N LEU B 141 4.54 5.53 7.85
CA LEU B 141 4.26 6.37 9.01
C LEU B 141 5.16 7.63 9.13
N ASP B 142 6.45 7.42 9.03
CA ASP B 142 7.40 8.51 8.95
C ASP B 142 7.09 9.43 7.77
N ALA B 143 6.81 8.89 6.59
CA ALA B 143 6.42 9.75 5.50
C ALA B 143 5.11 10.57 5.76
N MET B 144 4.08 9.94 6.36
CA MET B 144 2.84 10.65 6.66
C MET B 144 2.98 11.76 7.72
N PHE B 145 3.76 11.56 8.76
CA PHE B 145 4.13 12.65 9.66
C PHE B 145 4.81 13.82 8.99
N ARG B 146 5.80 13.48 8.14
CA ARG B 146 6.56 14.49 7.43
C ARG B 146 5.68 15.29 6.50
N ALA B 147 4.79 14.61 5.81
CA ALA B 147 3.83 15.26 4.92
C ALA B 147 2.84 16.21 5.67
N PHE B 148 2.34 15.79 6.85
CA PHE B 148 1.56 16.65 7.74
C PHE B 148 2.34 17.88 8.13
N LYS B 149 3.53 17.69 8.63
CA LYS B 149 4.34 18.82 9.05
C LYS B 149 4.62 19.84 7.94
N SER B 150 4.88 19.37 6.72
CA SER B 150 5.11 20.26 5.55
C SER B 150 3.89 21.08 5.23
N LEU B 151 2.72 20.52 5.46
CA LEU B 151 1.50 21.23 5.22
C LEU B 151 1.01 22.04 6.39
N ASP B 152 1.57 21.86 7.58
CA ASP B 152 1.10 22.68 8.71
C ASP B 152 2.06 23.82 8.91
N LYS B 153 2.01 24.77 8.01
CA LYS B 153 3.02 25.84 8.02
C LYS B 153 2.86 26.77 9.21
N ASP B 154 1.61 27.09 9.58
CA ASP B 154 1.34 27.96 10.72
C ASP B 154 1.48 27.27 12.15
N GLY B 155 1.76 25.97 12.22
CA GLY B 155 1.93 25.23 13.51
C GLY B 155 0.63 25.21 14.35
N THR B 156 -0.49 25.06 13.65
CA THR B 156 -1.82 25.04 14.26
C THR B 156 -2.27 23.60 14.65
N GLY B 157 -1.57 22.57 14.19
CA GLY B 157 -2.01 21.21 14.38
C GLY B 157 -3.14 20.75 13.43
N GLN B 158 -3.47 21.54 12.42
CA GLN B 158 -4.48 21.21 11.42
C GLN B 158 -3.99 21.56 10.04
N ILE B 159 -4.33 20.75 9.07
CA ILE B 159 -4.04 21.06 7.68
C ILE B 159 -5.34 21.10 6.90
N GLN B 160 -5.30 21.89 5.85
CA GLN B 160 -6.30 21.99 4.84
C GLN B 160 -5.72 21.30 3.57
N VAL B 161 -6.27 20.17 3.08
CA VAL B 161 -5.82 19.61 1.77
C VAL B 161 -6.97 19.66 0.80
N ASN B 162 -6.65 20.11 -0.43
CA ASN B 162 -7.61 20.02 -1.48
C ASN B 162 -7.62 18.63 -2.13
N ILE B 163 -8.60 18.38 -3.00
CA ILE B 163 -8.78 17.05 -3.58
C ILE B 163 -7.55 16.62 -4.42
N GLN B 164 -6.98 17.57 -5.14
CA GLN B 164 -5.78 17.28 -5.98
C GLN B 164 -4.64 16.77 -5.11
N GLU B 165 -4.36 17.51 -4.03
CA GLU B 165 -3.31 17.17 -3.10
C GLU B 165 -3.55 15.85 -2.36
N TRP B 166 -4.79 15.63 -1.93
CA TRP B 166 -5.22 14.37 -1.32
C TRP B 166 -4.92 13.19 -2.26
N LEU B 167 -5.39 13.28 -3.49
CA LEU B 167 -5.21 12.18 -4.41
C LEU B 167 -3.71 11.97 -4.67
N GLN B 168 -2.96 13.03 -4.80
CA GLN B 168 -1.49 12.86 -4.97
C GLN B 168 -0.85 12.17 -3.78
N LEU B 169 -1.23 12.59 -2.58
CA LEU B 169 -0.60 12.08 -1.37
C LEU B 169 -1.03 10.65 -1.09
N THR B 170 -2.24 10.28 -1.49
CA THR B 170 -2.70 8.94 -1.19
C THR B 170 -2.40 7.96 -2.31
N MET B 171 -2.44 8.39 -3.56
CA MET B 171 -2.29 7.47 -4.64
C MET B 171 -0.81 7.28 -5.00
N TYR B 172 0.01 8.28 -4.81
CA TYR B 172 1.46 8.07 -5.02
C TYR B 172 2.15 7.73 -3.68
N SER B 173 1.90 6.51 -3.24
CA SER B 173 2.24 6.08 -1.90
C SER B 173 2.06 4.56 -1.93
#